data_3OVZ
#
_entry.id   3OVZ
#
_cell.length_a   55.741
_cell.length_b   55.741
_cell.length_c   128.916
_cell.angle_alpha   90.00
_cell.angle_beta   90.00
_cell.angle_gamma   90.00
#
_symmetry.space_group_name_H-M   'P 43 21 2'
#
loop_
_entity.id
_entity.type
_entity.pdbx_description
1 polymer 'Cathepsin K'
2 non-polymer N-[(1S)-3-amino-1-ethyl-2,3-dioxopropyl]-2-chloro-4-(pyridin-2-ylmethoxy)-3-(trifluoromethyl)benzamide
3 non-polymer 'SULFATE ION'
4 water water
#
_entity_poly.entity_id   1
_entity_poly.type   'polypeptide(L)'
_entity_poly.pdbx_seq_one_letter_code
;DSVDYRKKGYVTPVKNQGQCGSCWAFSSVGALEGQLKKKTGKLLNLSPQNLVDCVSENDGCGGGYMTNAFQYVQKNRGID
SEDAYPYVGQEESCMYNPTGKAAKCRGYREIPEGNEKALKRAVARVGPVSVAIDASLTSFQFYSKGVYYDESCNSDNLNH
AVLAVGYGIQKGNKHWIIKNSWGENWGNKGYILMARNKNNACGIANLASFPKM
;
_entity_poly.pdbx_strand_id   A
#
loop_
_chem_comp.id
_chem_comp.type
_chem_comp.name
_chem_comp.formula
O96 non-polymer N-[(1S)-3-amino-1-ethyl-2,3-dioxopropyl]-2-chloro-4-(pyridin-2-ylmethoxy)-3-(trifluoromethyl)benzamide 'C19 H17 Cl F3 N3 O4'
SO4 non-polymer 'SULFATE ION' 'O4 S -2'
#
# COMPACT_ATOMS: atom_id res chain seq x y z
N ASP A 1 -1.31 12.94 17.49
CA ASP A 1 -1.74 11.74 18.25
CA ASP A 1 -1.79 11.77 18.30
C ASP A 1 -2.62 10.82 17.43
N SER A 2 -3.40 11.38 16.51
CA SER A 2 -4.25 10.58 15.65
C SER A 2 -4.44 11.16 14.23
N VAL A 3 -4.21 10.34 13.21
CA VAL A 3 -4.60 10.68 11.84
C VAL A 3 -5.22 9.49 11.11
N ASP A 4 -6.27 9.77 10.35
CA ASP A 4 -6.99 8.80 9.54
C ASP A 4 -7.24 9.45 8.22
N TYR A 5 -6.47 9.03 7.21
CA TYR A 5 -6.56 9.63 5.88
C TYR A 5 -7.80 9.19 5.06
N ARG A 6 -8.51 8.15 5.49
CA ARG A 6 -9.73 7.76 4.79
C ARG A 6 -10.70 8.90 4.78
N LYS A 7 -10.79 9.66 5.89
CA LYS A 7 -11.75 10.76 6.03
C LYS A 7 -11.27 12.05 5.38
N LYS A 8 -10.11 12.02 4.73
CA LYS A 8 -9.43 13.23 4.26
C LYS A 8 -9.37 13.29 2.73
N GLY A 9 -9.73 12.18 2.08
CA GLY A 9 -9.78 12.10 0.63
C GLY A 9 -8.54 11.57 -0.02
N TYR A 10 -7.62 11.02 0.79
CA TYR A 10 -6.31 10.48 0.38
C TYR A 10 -6.36 9.01 -0.01
N VAL A 11 -7.50 8.37 0.24
CA VAL A 11 -7.64 6.93 0.09
C VAL A 11 -8.86 6.61 -0.77
N THR A 12 -8.63 5.89 -1.85
CA THR A 12 -9.67 5.40 -2.74
C THR A 12 -10.38 4.17 -2.15
N PRO A 13 -11.53 3.77 -2.72
CA PRO A 13 -12.20 2.57 -2.17
C PRO A 13 -11.38 1.27 -2.16
N VAL A 14 -11.72 0.37 -1.23
CA VAL A 14 -11.05 -0.93 -1.11
C VAL A 14 -11.23 -1.75 -2.41
N LYS A 15 -10.12 -2.29 -2.90
CA LYS A 15 -10.06 -3.15 -4.10
C LYS A 15 -9.88 -4.60 -3.75
N ASN A 16 -10.25 -5.48 -4.69
CA ASN A 16 -10.02 -6.93 -4.62
C ASN A 16 -9.06 -7.35 -5.69
N GLN A 17 -7.93 -7.91 -5.29
CA GLN A 17 -6.81 -8.18 -6.18
C GLN A 17 -6.99 -9.48 -6.93
N GLY A 18 -7.89 -10.30 -6.39
CA GLY A 18 -8.26 -11.58 -7.01
C GLY A 18 -7.20 -12.65 -6.84
N GLN A 19 -7.03 -13.39 -7.92
CA GLN A 19 -6.16 -14.58 -7.88
CA GLN A 19 -6.22 -14.59 -8.04
C GLN A 19 -4.81 -14.31 -8.55
N CYS A 20 -4.33 -13.11 -8.29
CA CYS A 20 -3.07 -12.60 -8.81
C CYS A 20 -2.34 -12.11 -7.60
N GLY A 21 -1.04 -12.42 -7.52
CA GLY A 21 -0.23 -11.99 -6.40
C GLY A 21 0.24 -10.56 -6.48
N SER A 22 -0.72 -9.64 -6.57
CA SER A 22 -0.44 -8.27 -6.90
C SER A 22 -0.60 -7.28 -5.74
N CYS A 23 -0.35 -7.69 -4.48
CA CYS A 23 -0.63 -6.81 -3.37
C CYS A 23 0.31 -5.61 -3.43
N TRP A 24 1.55 -5.88 -3.85
CA TRP A 24 2.59 -4.88 -4.07
C TRP A 24 2.17 -3.74 -5.01
N ALA A 25 1.44 -4.13 -6.05
CA ALA A 25 0.92 -3.26 -7.06
C ALA A 25 -0.19 -2.40 -6.48
N PHE A 26 -1.03 -2.99 -5.66
CA PHE A 26 -2.12 -2.25 -5.03
C PHE A 26 -1.61 -1.31 -3.94
N SER A 27 -0.65 -1.77 -3.13
CA SER A 27 0.02 -0.94 -2.13
C SER A 27 0.73 0.29 -2.72
N SER A 28 1.43 0.02 -3.83
CA SER A 28 2.12 1.01 -4.65
C SER A 28 1.18 2.06 -5.21
N VAL A 29 0.08 1.70 -5.87
CA VAL A 29 -0.82 2.78 -6.37
C VAL A 29 -1.51 3.51 -5.22
N GLY A 30 -1.68 2.86 -4.07
CA GLY A 30 -2.35 3.54 -2.97
C GLY A 30 -1.46 4.66 -2.45
N ALA A 31 -0.14 4.42 -2.48
CA ALA A 31 0.83 5.39 -1.95
C ALA A 31 0.90 6.59 -2.90
N LEU A 32 1.15 6.28 -4.17
CA LEU A 32 0.96 7.21 -5.28
C LEU A 32 -0.33 8.04 -5.26
N GLU A 33 -1.49 7.39 -5.12
CA GLU A 33 -2.78 8.08 -4.99
C GLU A 33 -2.77 9.13 -3.86
N GLY A 34 -2.16 8.78 -2.72
CA GLY A 34 -2.08 9.71 -1.58
C GLY A 34 -1.25 10.95 -1.87
N GLN A 35 -0.16 10.80 -2.58
CA GLN A 35 0.72 11.93 -2.88
C GLN A 35 0.15 12.89 -3.94
N LEU A 36 -0.71 12.34 -4.81
CA LEU A 36 -1.44 13.09 -5.82
C LEU A 36 -2.55 13.92 -5.14
N LYS A 37 -3.15 13.43 -4.06
CA LYS A 37 -4.15 14.23 -3.33
C LYS A 37 -3.40 15.35 -2.64
N LYS A 38 -2.31 15.00 -1.96
CA LYS A 38 -1.51 16.01 -1.26
C LYS A 38 -0.88 17.04 -2.15
N LYS A 39 -0.30 16.62 -3.27
CA LYS A 39 0.33 17.50 -4.24
C LYS A 39 -0.68 18.36 -5.01
N THR A 40 -1.75 17.72 -5.52
CA THR A 40 -2.68 18.41 -6.43
C THR A 40 -4.09 18.64 -5.92
N GLY A 41 -4.43 18.12 -4.74
CA GLY A 41 -5.80 18.19 -4.25
C GLY A 41 -6.77 17.15 -4.79
N LYS A 42 -6.59 16.68 -6.04
CA LYS A 42 -7.49 15.69 -6.65
C LYS A 42 -6.72 14.37 -6.50
N LEU A 43 -7.43 13.24 -6.59
CA LEU A 43 -6.81 11.94 -6.82
C LEU A 43 -7.75 11.11 -7.70
N LEU A 44 -7.22 10.09 -8.38
CA LEU A 44 -8.06 9.09 -9.05
C LEU A 44 -7.43 7.70 -8.92
N ASN A 45 -8.18 6.64 -9.21
CA ASN A 45 -7.61 5.30 -9.13
C ASN A 45 -6.50 5.26 -10.16
N LEU A 46 -5.29 4.91 -9.75
CA LEU A 46 -4.20 4.66 -10.70
C LEU A 46 -4.23 3.19 -11.06
N SER A 47 -3.35 2.77 -11.96
CA SER A 47 -3.46 1.44 -12.56
C SER A 47 -2.46 0.39 -12.08
N PRO A 48 -2.87 -0.50 -11.16
CA PRO A 48 -2.12 -1.70 -10.80
C PRO A 48 -1.82 -2.67 -11.91
N GLN A 49 -2.67 -2.80 -12.92
CA GLN A 49 -2.36 -3.64 -14.09
C GLN A 49 -1.10 -3.13 -14.83
N ASN A 50 -1.08 -1.81 -15.03
CA ASN A 50 0.06 -1.10 -15.58
C ASN A 50 1.35 -1.57 -14.89
N LEU A 51 1.33 -1.62 -13.56
CA LEU A 51 2.51 -2.08 -12.80
C LEU A 51 2.81 -3.59 -12.96
N VAL A 52 1.80 -4.45 -12.78
CA VAL A 52 1.98 -5.90 -12.96
C VAL A 52 2.52 -6.21 -14.33
N ASP A 53 1.94 -5.58 -15.36
CA ASP A 53 2.29 -5.92 -16.76
C ASP A 53 3.63 -5.35 -17.23
N CYS A 54 4.05 -4.23 -16.63
CA CYS A 54 5.17 -3.42 -17.13
C CYS A 54 6.38 -3.32 -16.23
N VAL A 55 6.28 -3.81 -14.99
CA VAL A 55 7.40 -3.69 -14.05
C VAL A 55 8.14 -5.00 -14.09
N SER A 56 9.11 -5.12 -14.99
CA SER A 56 9.74 -6.40 -15.17
C SER A 56 10.72 -6.83 -14.08
N GLU A 57 11.05 -5.94 -13.14
CA GLU A 57 11.89 -6.32 -11.98
C GLU A 57 11.12 -7.23 -11.06
N ASN A 58 9.81 -7.17 -11.22
CA ASN A 58 8.87 -7.89 -10.41
C ASN A 58 8.42 -9.17 -11.11
N ASP A 59 7.60 -9.96 -10.41
CA ASP A 59 7.17 -11.24 -10.90
C ASP A 59 5.69 -11.21 -11.31
N GLY A 60 5.18 -10.04 -11.63
CA GLY A 60 3.76 -9.89 -11.99
C GLY A 60 2.82 -10.41 -10.90
N CYS A 61 1.90 -11.30 -11.28
CA CYS A 61 1.05 -12.04 -10.34
C CYS A 61 1.80 -12.99 -9.43
N GLY A 62 3.07 -13.26 -9.75
CA GLY A 62 3.90 -14.05 -8.87
C GLY A 62 4.67 -13.33 -7.79
N GLY A 63 4.36 -12.06 -7.53
CA GLY A 63 5.00 -11.28 -6.43
C GLY A 63 5.83 -10.04 -6.82
N GLY A 64 6.06 -9.12 -5.89
CA GLY A 64 6.96 -7.97 -6.16
C GLY A 64 7.13 -6.95 -5.06
N TYR A 65 8.02 -5.99 -5.32
CA TYR A 65 8.29 -4.91 -4.37
C TYR A 65 7.77 -3.57 -4.82
N MET A 66 7.36 -2.76 -3.84
CA MET A 66 6.85 -1.40 -4.11
C MET A 66 7.93 -0.44 -4.63
N THR A 67 9.11 -0.40 -4.03
CA THR A 67 10.10 0.58 -4.48
C THR A 67 10.35 0.44 -6.01
N ASN A 68 10.34 -0.81 -6.47
CA ASN A 68 10.47 -1.18 -7.90
C ASN A 68 9.37 -0.58 -8.78
N ALA A 69 8.16 -0.48 -8.23
CA ALA A 69 7.07 0.11 -8.96
C ALA A 69 7.32 1.61 -9.00
N PHE A 70 7.67 2.17 -7.85
CA PHE A 70 8.09 3.57 -7.78
C PHE A 70 9.22 3.91 -8.79
N GLN A 71 10.30 3.10 -8.88
CA GLN A 71 11.35 3.33 -9.92
C GLN A 71 10.77 3.31 -11.34
N TYR A 72 9.90 2.33 -11.64
CA TYR A 72 9.28 2.22 -12.96
C TYR A 72 8.52 3.49 -13.30
N VAL A 73 7.72 4.00 -12.36
CA VAL A 73 6.84 5.15 -12.63
C VAL A 73 7.68 6.38 -12.97
N GLN A 74 8.83 6.52 -12.31
CA GLN A 74 9.85 7.55 -12.61
C GLN A 74 10.55 7.34 -13.96
N LYS A 75 11.16 6.20 -14.20
CA LYS A 75 11.89 6.02 -15.45
C LYS A 75 10.98 6.04 -16.64
N ASN A 76 9.72 5.61 -16.44
CA ASN A 76 8.69 5.61 -17.49
C ASN A 76 8.08 6.99 -17.78
N ARG A 77 8.32 7.94 -16.85
CA ARG A 77 7.73 9.28 -16.94
C ARG A 77 6.19 9.18 -16.80
N GLY A 78 5.74 8.24 -15.95
CA GLY A 78 4.33 8.14 -15.59
C GLY A 78 3.71 6.75 -15.47
N ILE A 79 2.52 6.76 -14.87
CA ILE A 79 1.66 5.57 -14.72
C ILE A 79 0.25 5.93 -15.22
N ASP A 80 -0.45 5.01 -15.86
CA ASP A 80 -1.82 5.30 -16.30
C ASP A 80 -2.85 5.29 -15.16
N SER A 81 -3.97 5.96 -15.38
CA SER A 81 -5.17 5.77 -14.56
C SER A 81 -5.72 4.37 -14.79
N GLU A 82 -6.54 3.93 -13.85
CA GLU A 82 -7.26 2.69 -13.93
C GLU A 82 -8.18 2.71 -15.13
N ASP A 83 -8.85 3.85 -15.36
CA ASP A 83 -9.79 4.01 -16.44
CA ASP A 83 -9.78 4.07 -16.50
C ASP A 83 -9.09 3.77 -17.80
N ALA A 84 -7.83 4.20 -17.91
CA ALA A 84 -7.00 3.97 -19.10
C ALA A 84 -6.54 2.53 -19.20
N TYR A 85 -6.18 1.92 -18.08
CA TYR A 85 -5.53 0.61 -18.10
C TYR A 85 -6.16 -0.25 -16.97
N PRO A 86 -7.36 -0.81 -17.20
CA PRO A 86 -8.15 -1.51 -16.21
C PRO A 86 -7.48 -2.77 -15.66
N TYR A 87 -7.83 -3.11 -14.43
CA TYR A 87 -7.34 -4.37 -13.78
C TYR A 87 -8.05 -5.66 -14.25
N VAL A 88 -7.29 -6.57 -14.85
CA VAL A 88 -7.80 -7.86 -15.32
C VAL A 88 -7.42 -9.04 -14.40
N GLY A 89 -6.55 -8.80 -13.41
CA GLY A 89 -6.16 -9.84 -12.48
C GLY A 89 -5.36 -10.96 -13.12
N GLN A 90 -4.66 -10.65 -14.20
CA GLN A 90 -3.60 -11.53 -14.72
C GLN A 90 -2.61 -10.78 -15.59
N GLU A 91 -1.38 -11.27 -15.64
CA GLU A 91 -0.36 -10.63 -16.48
C GLU A 91 -0.65 -10.76 -17.97
N GLU A 92 -0.34 -9.69 -18.70
CA GLU A 92 -0.29 -9.66 -20.16
C GLU A 92 0.90 -8.84 -20.61
N SER A 93 1.02 -8.60 -21.91
CA SER A 93 2.16 -7.79 -22.42
C SER A 93 1.99 -6.36 -21.91
N CYS A 94 3.09 -5.66 -21.67
CA CYS A 94 2.96 -4.27 -21.23
C CYS A 94 2.31 -3.43 -22.33
N MET A 95 1.22 -2.74 -22.00
CA MET A 95 0.50 -1.90 -22.96
C MET A 95 0.26 -0.49 -22.37
N TYR A 96 1.30 0.07 -21.76
CA TYR A 96 1.25 1.43 -21.25
C TYR A 96 1.06 2.38 -22.46
N ASN A 97 0.05 3.26 -22.38
CA ASN A 97 -0.19 4.33 -23.36
CA ASN A 97 -0.18 4.34 -23.34
C ASN A 97 0.03 5.70 -22.65
N PRO A 98 0.98 6.52 -23.13
CA PRO A 98 1.24 7.83 -22.48
C PRO A 98 0.06 8.78 -22.43
N THR A 99 -0.90 8.59 -23.35
CA THR A 99 -2.03 9.48 -23.43
C THR A 99 -2.94 9.35 -22.18
N GLY A 100 -2.85 8.25 -21.44
CA GLY A 100 -3.60 8.02 -20.18
C GLY A 100 -2.86 8.17 -18.84
N LYS A 101 -1.65 8.71 -18.91
CA LYS A 101 -0.82 9.09 -17.76
C LYS A 101 -1.64 9.93 -16.75
N ALA A 102 -1.62 9.53 -15.47
CA ALA A 102 -2.36 10.23 -14.39
C ALA A 102 -1.49 10.52 -13.16
N ALA A 103 -0.25 10.04 -13.15
CA ALA A 103 0.69 10.36 -12.10
C ALA A 103 2.09 10.17 -12.63
N LYS A 104 3.03 10.90 -12.05
CA LYS A 104 4.45 10.76 -12.34
C LYS A 104 5.04 10.70 -10.97
N CYS A 105 6.30 10.32 -10.84
CA CYS A 105 6.97 10.49 -9.55
C CYS A 105 8.49 10.76 -9.72
N ARG A 106 9.08 11.38 -8.69
CA ARG A 106 10.48 11.81 -8.73
C ARG A 106 11.40 10.88 -7.98
N GLY A 107 10.96 9.66 -7.69
CA GLY A 107 11.74 8.77 -6.85
C GLY A 107 10.98 8.39 -5.59
N TYR A 108 11.69 7.82 -4.65
CA TYR A 108 11.06 7.34 -3.43
C TYR A 108 12.01 7.44 -2.26
N ARG A 109 11.44 7.32 -1.07
CA ARG A 109 12.22 7.24 0.13
C ARG A 109 11.75 6.05 0.95
N GLU A 110 12.69 5.48 1.70
CA GLU A 110 12.46 4.28 2.48
C GLU A 110 12.49 4.68 3.95
N ILE A 111 11.64 4.06 4.76
CA ILE A 111 11.62 4.39 6.19
C ILE A 111 12.77 3.62 6.83
N PRO A 112 13.50 4.27 7.76
CA PRO A 112 14.62 3.58 8.39
C PRO A 112 14.16 2.27 9.01
N GLU A 113 14.85 1.19 8.68
CA GLU A 113 14.42 -0.15 9.03
C GLU A 113 14.11 -0.34 10.50
N GLY A 114 12.90 -0.77 10.81
CA GLY A 114 12.52 -1.10 12.17
C GLY A 114 12.00 0.07 12.97
N ASN A 115 12.13 1.28 12.44
CA ASN A 115 11.83 2.50 13.20
C ASN A 115 10.36 2.96 13.11
N GLU A 116 9.58 2.58 14.11
CA GLU A 116 8.15 2.83 14.16
C GLU A 116 7.79 4.31 14.33
N LYS A 117 8.61 5.03 15.09
CA LYS A 117 8.44 6.47 15.29
C LYS A 117 8.70 7.24 13.99
N ALA A 118 9.70 6.79 13.21
CA ALA A 118 9.90 7.24 11.81
C ALA A 118 8.74 6.95 10.84
N LEU A 119 8.00 5.87 11.08
CA LEU A 119 6.86 5.51 10.24
C LEU A 119 5.67 6.39 10.63
N LYS A 120 5.56 6.72 11.91
CA LYS A 120 4.51 7.64 12.39
C LYS A 120 4.76 9.03 11.83
N ARG A 121 6.02 9.51 11.90
CA ARG A 121 6.34 10.79 11.31
C ARG A 121 6.03 10.82 9.82
N ALA A 122 6.38 9.75 9.10
CA ALA A 122 6.12 9.65 7.65
C ALA A 122 4.65 9.72 7.35
N VAL A 123 3.88 8.97 8.12
CA VAL A 123 2.43 8.89 7.92
C VAL A 123 1.81 10.26 8.22
N ALA A 124 2.29 10.95 9.24
CA ALA A 124 1.78 12.30 9.58
C ALA A 124 2.14 13.42 8.56
N ARG A 125 3.40 13.41 8.10
CA ARG A 125 4.07 14.41 7.25
C ARG A 125 3.90 14.17 5.75
N VAL A 126 3.88 12.90 5.36
CA VAL A 126 3.74 12.53 3.94
C VAL A 126 2.35 12.07 3.57
N GLY A 127 1.82 11.13 4.33
CA GLY A 127 0.49 10.57 4.06
C GLY A 127 0.54 9.05 4.04
N PRO A 128 -0.34 8.41 3.26
CA PRO A 128 -0.24 6.95 3.09
C PRO A 128 1.11 6.41 2.64
N VAL A 129 1.66 5.49 3.47
CA VAL A 129 2.94 4.80 3.21
C VAL A 129 2.69 3.32 2.79
N SER A 130 3.44 2.83 1.80
CA SER A 130 3.43 1.42 1.43
C SER A 130 4.22 0.66 2.46
N VAL A 131 3.63 -0.36 3.08
CA VAL A 131 4.33 -1.20 4.04
C VAL A 131 4.25 -2.71 3.72
N ALA A 132 5.26 -3.44 4.24
CA ALA A 132 5.38 -4.89 4.14
C ALA A 132 5.24 -5.51 5.54
N ILE A 133 4.46 -6.59 5.64
CA ILE A 133 4.15 -7.28 6.90
C ILE A 133 4.27 -8.78 6.66
N ASP A 134 4.29 -9.54 7.76
CA ASP A 134 4.05 -10.97 7.76
C ASP A 134 2.55 -11.03 7.79
N ALA A 135 1.93 -11.52 6.72
CA ALA A 135 0.49 -11.61 6.65
C ALA A 135 0.04 -13.08 6.59
N SER A 136 0.92 -13.99 6.95
CA SER A 136 0.72 -15.42 6.69
C SER A 136 -0.01 -16.16 7.83
N LEU A 137 0.03 -15.61 9.05
CA LEU A 137 -0.69 -16.22 10.14
C LEU A 137 -2.17 -16.19 9.85
N THR A 138 -2.86 -17.23 10.35
CA THR A 138 -4.28 -17.50 10.15
C THR A 138 -5.09 -16.45 10.89
N SER A 139 -4.56 -15.97 12.02
CA SER A 139 -5.25 -14.97 12.82
C SER A 139 -5.37 -13.61 12.13
N PHE A 140 -4.37 -13.29 11.28
CA PHE A 140 -4.38 -12.08 10.45
C PHE A 140 -5.54 -12.21 9.53
N GLN A 141 -5.52 -13.28 8.72
CA GLN A 141 -6.47 -13.49 7.65
C GLN A 141 -7.95 -13.47 8.10
N PHE A 142 -8.22 -13.98 9.31
CA PHE A 142 -9.60 -13.96 9.86
C PHE A 142 -9.91 -12.78 10.78
N TYR A 143 -9.08 -11.74 10.75
CA TYR A 143 -9.32 -10.50 11.48
C TYR A 143 -10.68 -9.92 11.18
N SER A 144 -11.38 -9.41 12.20
CA SER A 144 -12.61 -8.64 11.98
C SER A 144 -12.76 -7.34 12.78
N LYS A 145 -12.12 -7.24 13.94
CA LYS A 145 -12.38 -6.12 14.83
C LYS A 145 -11.27 -6.02 15.88
N GLY A 146 -11.08 -4.81 16.43
CA GLY A 146 -10.07 -4.55 17.47
C GLY A 146 -8.68 -4.32 16.88
N VAL A 147 -7.67 -4.35 17.73
CA VAL A 147 -6.29 -4.14 17.35
C VAL A 147 -5.55 -5.48 17.31
N TYR A 148 -5.06 -5.82 16.12
CA TYR A 148 -4.34 -7.07 15.92
C TYR A 148 -2.94 -7.09 16.55
N TYR A 149 -2.70 -8.13 17.32
CA TYR A 149 -1.38 -8.37 17.88
C TYR A 149 -1.22 -9.85 18.11
N ASP A 150 -0.24 -10.45 17.43
CA ASP A 150 0.05 -11.85 17.59
C ASP A 150 1.55 -11.98 17.70
N GLU A 151 2.05 -12.42 18.85
CA GLU A 151 3.50 -12.53 19.09
C GLU A 151 4.20 -13.61 18.25
N SER A 152 3.44 -14.49 17.60
CA SER A 152 4.03 -15.50 16.69
C SER A 152 4.36 -14.89 15.32
N CYS A 153 3.91 -13.64 15.10
CA CYS A 153 4.14 -12.93 13.86
C CYS A 153 5.63 -12.65 13.67
N ASN A 154 6.16 -12.88 12.47
CA ASN A 154 7.61 -12.93 12.27
C ASN A 154 8.12 -11.78 11.38
N SER A 155 8.92 -10.89 11.99
CA SER A 155 9.39 -9.68 11.33
C SER A 155 10.42 -9.96 10.24
N ASP A 156 10.98 -11.17 10.28
CA ASP A 156 11.90 -11.69 9.28
C ASP A 156 11.19 -12.55 8.27
N ASN A 157 9.87 -12.43 8.20
CA ASN A 157 9.08 -13.10 7.17
C ASN A 157 8.10 -12.08 6.63
N LEU A 158 8.63 -11.16 5.83
CA LEU A 158 7.80 -10.13 5.20
C LEU A 158 7.25 -10.79 3.98
N ASN A 159 5.93 -10.85 3.83
CA ASN A 159 5.37 -11.49 2.63
C ASN A 159 4.26 -10.78 1.88
N HIS A 160 3.80 -9.65 2.37
CA HIS A 160 2.58 -9.06 1.85
C HIS A 160 2.62 -7.55 2.04
N ALA A 161 2.11 -6.84 1.03
CA ALA A 161 2.11 -5.41 0.96
C ALA A 161 0.70 -4.88 1.22
N VAL A 162 0.69 -3.85 2.05
CA VAL A 162 -0.50 -3.17 2.46
C VAL A 162 -0.09 -1.71 2.48
N LEU A 163 -0.91 -0.84 3.05
CA LEU A 163 -0.75 0.58 2.95
C LEU A 163 -1.23 1.14 4.26
N ALA A 164 -0.32 1.76 5.04
CA ALA A 164 -0.69 2.47 6.25
C ALA A 164 -1.39 3.80 5.95
N VAL A 165 -2.63 3.93 6.39
CA VAL A 165 -3.42 5.11 6.10
C VAL A 165 -3.75 5.96 7.34
N GLY A 166 -3.09 5.66 8.46
CA GLY A 166 -3.35 6.36 9.67
C GLY A 166 -2.73 5.66 10.86
N TYR A 167 -2.96 6.24 12.01
CA TYR A 167 -2.59 5.65 13.27
C TYR A 167 -3.48 6.28 14.37
N GLY A 168 -3.41 5.71 15.58
CA GLY A 168 -4.26 6.16 16.68
C GLY A 168 -4.28 5.17 17.85
N ILE A 169 -5.40 5.13 18.56
CA ILE A 169 -5.54 4.34 19.78
C ILE A 169 -7.02 3.95 19.95
N GLN A 170 -7.28 2.65 20.16
CA GLN A 170 -8.64 2.14 20.41
C GLN A 170 -8.66 1.58 21.80
N LYS A 171 -9.55 2.09 22.63
CA LYS A 171 -9.72 1.54 23.98
C LYS A 171 -8.35 1.13 24.53
N GLY A 172 -7.44 2.09 24.51
CA GLY A 172 -6.13 1.95 25.15
C GLY A 172 -5.03 1.36 24.31
N ASN A 173 -5.38 0.72 23.19
CA ASN A 173 -4.36 0.03 22.35
C ASN A 173 -3.94 0.88 21.15
N LYS A 174 -2.64 1.18 21.08
CA LYS A 174 -2.04 1.99 20.03
C LYS A 174 -1.98 1.16 18.75
N HIS A 175 -2.38 1.78 17.64
CA HIS A 175 -2.47 1.05 16.39
C HIS A 175 -2.04 1.82 15.12
N TRP A 176 -1.88 1.04 14.04
CA TRP A 176 -1.83 1.56 12.68
C TRP A 176 -3.13 1.25 11.97
N ILE A 177 -3.60 2.18 11.14
CA ILE A 177 -4.77 1.90 10.30
C ILE A 177 -4.18 1.36 8.99
N ILE A 178 -4.51 0.11 8.64
CA ILE A 178 -3.92 -0.59 7.51
C ILE A 178 -4.98 -1.00 6.49
N LYS A 179 -4.66 -0.75 5.23
CA LYS A 179 -5.57 -0.98 4.11
C LYS A 179 -5.09 -2.17 3.33
N ASN A 180 -5.95 -3.19 3.18
CA ASN A 180 -5.57 -4.41 2.47
C ASN A 180 -6.18 -4.42 1.06
N SER A 181 -5.81 -5.43 0.27
CA SER A 181 -6.29 -5.51 -1.11
C SER A 181 -7.13 -6.78 -1.35
N TRP A 182 -7.98 -7.12 -0.39
CA TRP A 182 -8.71 -8.37 -0.41
C TRP A 182 -10.23 -8.16 -0.35
N GLY A 183 -10.71 -7.00 -0.77
CA GLY A 183 -12.14 -6.71 -0.87
C GLY A 183 -12.64 -6.03 0.38
N GLU A 184 -13.72 -5.25 0.24
CA GLU A 184 -14.37 -4.65 1.40
C GLU A 184 -15.08 -5.69 2.30
N ASN A 185 -15.08 -6.98 1.93
CA ASN A 185 -15.54 -8.06 2.82
C ASN A 185 -14.48 -8.54 3.83
N TRP A 186 -13.21 -8.28 3.55
CA TRP A 186 -12.15 -8.72 4.43
C TRP A 186 -12.04 -7.80 5.64
N GLY A 187 -11.68 -8.37 6.78
CA GLY A 187 -11.36 -7.57 7.93
C GLY A 187 -12.54 -6.73 8.34
N ASN A 188 -12.27 -5.46 8.65
CA ASN A 188 -13.32 -4.51 8.98
C ASN A 188 -13.45 -3.50 7.83
N LYS A 189 -14.31 -3.86 6.89
CA LYS A 189 -14.54 -3.10 5.66
C LYS A 189 -13.29 -3.01 4.80
N GLY A 190 -12.42 -4.00 4.88
CA GLY A 190 -11.25 -4.07 4.03
C GLY A 190 -10.01 -3.62 4.78
N TYR A 191 -10.20 -3.14 6.00
CA TYR A 191 -9.13 -2.58 6.79
C TYR A 191 -8.77 -3.45 8.00
N ILE A 192 -7.57 -3.24 8.53
CA ILE A 192 -7.15 -3.87 9.77
C ILE A 192 -6.44 -2.87 10.66
N LEU A 193 -6.75 -2.88 11.96
CA LEU A 193 -5.96 -2.14 12.94
C LEU A 193 -4.87 -3.02 13.49
N MET A 194 -3.62 -2.64 13.24
CA MET A 194 -2.47 -3.42 13.66
C MET A 194 -1.80 -2.78 14.87
N ALA A 195 -1.15 -3.60 15.71
CA ALA A 195 -0.46 -3.10 16.91
C ALA A 195 0.70 -2.14 16.62
N ARG A 196 0.64 -0.98 17.26
CA ARG A 196 1.68 0.04 17.13
C ARG A 196 2.46 0.20 18.42
N ASN A 197 3.80 0.23 18.29
CA ASN A 197 4.72 0.36 19.43
C ASN A 197 4.76 -0.90 20.31
N LYS A 198 4.54 -2.03 19.64
CA LYS A 198 4.57 -3.35 20.24
C LYS A 198 5.66 -4.12 19.55
N ASN A 199 6.84 -3.49 19.50
CA ASN A 199 8.09 -4.00 18.88
C ASN A 199 8.06 -4.36 17.41
N ASN A 200 7.50 -3.45 16.60
CA ASN A 200 7.54 -3.64 15.16
C ASN A 200 6.84 -4.95 14.81
N ALA A 201 5.58 -5.04 15.24
CA ALA A 201 4.82 -6.28 15.24
C ALA A 201 4.52 -6.61 13.81
N CYS A 202 4.87 -7.83 13.41
CA CYS A 202 4.73 -8.32 12.04
C CYS A 202 5.67 -7.67 11.00
N GLY A 203 6.60 -6.84 11.45
CA GLY A 203 7.58 -6.26 10.56
C GLY A 203 7.13 -4.98 9.92
N ILE A 204 6.14 -4.32 10.50
CA ILE A 204 5.39 -3.26 9.82
C ILE A 204 6.28 -2.10 9.41
N ALA A 205 7.37 -1.87 10.16
CA ALA A 205 8.29 -0.81 9.82
C ALA A 205 9.60 -1.29 9.21
N ASN A 206 9.62 -2.51 8.68
CA ASN A 206 10.85 -3.12 8.13
C ASN A 206 11.10 -2.94 6.65
N LEU A 207 10.05 -2.70 5.85
CA LEU A 207 10.28 -2.45 4.42
C LEU A 207 9.26 -1.47 3.87
N ALA A 208 9.17 -0.32 4.56
CA ALA A 208 8.18 0.71 4.32
C ALA A 208 8.74 1.83 3.41
N SER A 209 7.94 2.33 2.48
CA SER A 209 8.40 3.34 1.54
C SER A 209 7.26 4.19 0.98
N PHE A 210 7.58 5.36 0.42
CA PHE A 210 6.53 6.21 -0.23
C PHE A 210 7.16 6.79 -1.44
N PRO A 211 6.34 7.15 -2.46
CA PRO A 211 6.86 7.86 -3.65
C PRO A 211 7.09 9.37 -3.47
N LYS A 212 8.09 9.91 -4.14
CA LYS A 212 8.31 11.36 -4.16
C LYS A 212 7.54 11.99 -5.30
N MET A 213 6.85 13.09 -5.00
CA MET A 213 6.09 13.78 -6.03
C MET A 213 6.31 15.30 -5.93
N1 O96 B . -0.67 -10.60 -3.70
C4 O96 B . -0.54 -10.94 -2.38
C5 O96 B . 0.85 -10.54 -1.82
C6 O96 B . 2.03 -11.16 -2.58
N8 O96 B . 3.34 -10.80 -2.00
C10 O96 B . 4.39 -10.21 -2.68
C11 O96 B . 5.57 -10.01 -1.85
C12 O96 B . 6.46 -11.09 -1.81
C14 O96 B . 7.59 -11.00 -1.00
C16 O96 B . 7.85 -9.85 -0.23
C17 O96 B . 6.97 -8.77 -0.26
C18 O96 B . 5.83 -8.89 -1.06
CL19 O96 B . 4.71 -7.61 -1.12
C20 O96 B . 7.23 -7.56 0.60
F21 O96 B . 7.50 -6.36 0.06
F22 O96 B . 6.13 -7.35 1.34
F23 O96 B . 8.22 -7.68 1.54
O24 O96 B . 8.92 -9.65 0.58
C25 O96 B . 9.93 -10.66 0.63
C28 O96 B . 11.14 -10.20 1.36
N29 O96 B . 12.18 -11.05 1.34
C30 O96 B . 13.31 -10.67 1.97
C32 O96 B . 13.45 -9.45 2.63
C34 O96 B . 12.40 -8.59 2.60
C36 O96 B . 11.22 -8.96 1.98
O38 O96 B . 4.36 -9.84 -3.85
C39 O96 B . 1.90 -12.71 -2.60
C42 O96 B . 2.83 -13.34 -3.61
O46 O96 B . 0.86 -10.76 -0.41
O47 O96 B . -1.45 -11.47 -1.75
S SO4 C . -15.47 -6.87 -2.65
O1 SO4 C . -14.52 -7.55 -3.52
O2 SO4 C . -14.81 -5.61 -2.26
O3 SO4 C . -16.70 -6.56 -3.38
O4 SO4 C . -15.75 -7.65 -1.46
S SO4 D . 2.37 7.94 20.47
O1 SO4 D . 2.57 8.31 19.08
O2 SO4 D . 2.69 9.07 21.35
O3 SO4 D . 0.96 7.61 20.73
O4 SO4 D . 3.32 6.87 20.74
#